data_6Y0T
#
_entry.id   6Y0T
#
_cell.length_a   53.170
_cell.length_b   23.960
_cell.length_c   63.820
_cell.angle_alpha   90.00
_cell.angle_beta   108.74
_cell.angle_gamma   90.00
#
_symmetry.space_group_name_H-M   'P 1 21 1'
#
loop_
_entity.id
_entity.type
_entity.pdbx_description
1 polymer 'RNA (27-MER)'
2 non-polymer 'MAGNESIUM ION'
3 non-polymer 'POTASSIUM ION'
4 water water
#
_entity_poly.entity_id   1
_entity_poly.type   'polyribonucleotide'
_entity_poly.pdbx_seq_one_letter_code
;UGCUCCGAGUACGAGAGGAAAGGAGUG
;
_entity_poly.pdbx_strand_id   A,B
#
loop_
_chem_comp.id
_chem_comp.type
_chem_comp.name
_chem_comp.formula
A RNA linking ADENOSINE-5'-MONOPHOSPHATE 'C10 H14 N5 O7 P'
C RNA linking CYTIDINE-5'-MONOPHOSPHATE 'C9 H14 N3 O8 P'
G RNA linking GUANOSINE-5'-MONOPHOSPHATE 'C10 H14 N5 O8 P'
K non-polymer 'POTASSIUM ION' 'K 1'
MG non-polymer 'MAGNESIUM ION' 'Mg 2'
U RNA linking URIDINE-5'-MONOPHOSPHATE 'C9 H13 N2 O9 P'
#
# COMPACT_ATOMS: atom_id res chain seq x y z
MG MG C . -8.92 5.59 17.02
MG MG D . -13.47 9.58 1.08
K K E . -10.39 2.86 19.42
K K F . -7.23 5.85 13.77
K K G . -2.68 -8.09 9.84
MG MG H . 16.32 -8.10 -17.91
MG MG I . 1.91 -4.84 -26.69
K K J . 12.74 -7.77 -17.01
K K K . 11.73 4.91 0.48
#